data_5UTI
#
_entry.id   5UTI
#
_cell.length_a   89.158
_cell.length_b   64.322
_cell.length_c   70.851
_cell.angle_alpha   90.00
_cell.angle_beta   93.12
_cell.angle_gamma   90.00
#
_symmetry.space_group_name_H-M   'C 1 2 1'
#
loop_
_entity.id
_entity.type
_entity.pdbx_description
1 polymer 'Queuine tRNA-ribosyltransferase'
2 non-polymer 'ZINC ION'
3 non-polymer 'DIMETHYL SULFOXIDE'
4 non-polymer L-CANAVANINE
5 non-polymer 'TRIETHYLENE GLYCOL'
6 non-polymer 'TETRAETHYLENE GLYCOL'
7 water water
#
_entity_poly.entity_id   1
_entity_poly.type   'polypeptide(L)'
_entity_poly.pdbx_seq_one_letter_code
;DRPRFSFSIAAREGKARTGTIEMKRGVIRTPAFMPVGTAATVKALKPETVRATGADIILGNTYHLMLRPGAERIAKLGGL
HSFMGWDRPILTDSGGYQVMSLSSLTKQSEEGVTFKSHLDGSRHMLSPERSIEIQHLLGSDIVMAFDECTPYPATPSRAA
SSMERSMRWAKRSRDAFDSRKEQAENAALFGIQQGSVFENLRQQSADALAEIGFDGYAVGGLAVGEGQDEMFRVLDFSVP
MLPDDKPHYLMGVGKPDDIVGAVERGIDMFDCVLPTRSGRNGQAFTWDGPINIRNARFSEDLKPLDSECHCAVCQKWSRA
YIHHLIRAGEILGAMLMTEHNIAFYQQLMQKIRDSISEGRFSQFAQDFRARYFAR
;
_entity_poly.pdbx_strand_id   A
#
loop_
_chem_comp.id
_chem_comp.type
_chem_comp.name
_chem_comp.formula
DMS non-polymer 'DIMETHYL SULFOXIDE' 'C2 H6 O S'
PG4 non-polymer 'TETRAETHYLENE GLYCOL' 'C8 H18 O5'
PGE non-polymer 'TRIETHYLENE GLYCOL' 'C6 H14 O4'
ZN non-polymer 'ZINC ION' 'Zn 2'
#
# COMPACT_ATOMS: atom_id res chain seq x y z
N ARG A 2 18.39 -15.01 7.62
CA ARG A 2 17.03 -14.81 7.17
C ARG A 2 16.98 -14.68 5.64
N PRO A 3 15.90 -15.15 5.02
CA PRO A 3 15.80 -15.04 3.55
C PRO A 3 15.63 -13.61 3.07
N ARG A 4 16.16 -13.35 1.87
CA ARG A 4 15.88 -12.11 1.16
C ARG A 4 14.39 -11.95 0.92
N PHE A 5 13.77 -12.98 0.37
CA PHE A 5 12.36 -12.89 -0.03
C PHE A 5 11.87 -14.32 -0.25
N SER A 6 10.95 -14.76 0.59
CA SER A 6 10.37 -16.08 0.44
C SER A 6 8.87 -15.98 0.72
N PHE A 7 8.05 -16.20 -0.31
CA PHE A 7 6.60 -16.15 -0.16
C PHE A 7 6.07 -17.58 -0.06
N SER A 8 5.24 -17.84 0.95
N SER A 8 5.28 -17.83 0.98
CA SER A 8 4.65 -19.15 1.17
CA SER A 8 4.62 -19.10 1.22
C SER A 8 3.16 -19.00 1.43
C SER A 8 3.12 -18.84 1.29
N ILE A 9 2.35 -19.70 0.63
CA ILE A 9 0.90 -19.71 0.77
C ILE A 9 0.53 -20.88 1.67
N ALA A 10 -0.03 -20.57 2.83
CA ALA A 10 -0.41 -21.57 3.81
C ALA A 10 -1.78 -22.15 3.56
N ALA A 11 -2.68 -21.38 2.94
CA ALA A 11 -4.06 -21.82 2.77
C ALA A 11 -4.73 -20.95 1.72
N ARG A 12 -5.79 -21.50 1.14
N ARG A 12 -5.76 -21.53 1.10
CA ARG A 12 -6.52 -20.83 0.07
CA ARG A 12 -6.55 -20.84 0.09
C ARG A 12 -8.01 -21.12 0.23
C ARG A 12 -8.02 -21.05 0.39
N GLU A 13 -8.83 -20.15 -0.16
CA GLU A 13 -10.29 -20.33 -0.22
C GLU A 13 -10.75 -19.60 -1.47
N GLY A 14 -11.18 -20.35 -2.48
CA GLY A 14 -11.45 -19.73 -3.76
C GLY A 14 -10.18 -19.09 -4.28
N LYS A 15 -10.29 -17.84 -4.71
CA LYS A 15 -9.12 -17.10 -5.17
C LYS A 15 -8.33 -16.46 -4.03
N ALA A 16 -8.85 -16.46 -2.81
CA ALA A 16 -8.17 -15.84 -1.69
C ALA A 16 -7.04 -16.72 -1.18
N ARG A 17 -5.96 -16.10 -0.76
CA ARG A 17 -4.80 -16.79 -0.22
C ARG A 17 -4.39 -16.15 1.09
N THR A 18 -3.76 -16.94 1.96
CA THR A 18 -3.12 -16.40 3.15
C THR A 18 -1.78 -17.10 3.33
N GLY A 19 -0.82 -16.35 3.87
CA GLY A 19 0.52 -16.89 4.01
C GLY A 19 1.47 -15.87 4.58
N THR A 20 2.74 -15.96 4.19
CA THR A 20 3.78 -15.11 4.75
C THR A 20 4.79 -14.77 3.67
N ILE A 21 5.35 -13.58 3.77
CA ILE A 21 6.56 -13.21 3.05
C ILE A 21 7.65 -13.03 4.09
N GLU A 22 8.68 -13.88 4.04
N GLU A 22 8.67 -13.88 4.03
CA GLU A 22 9.80 -13.73 4.94
CA GLU A 22 9.84 -13.76 4.89
C GLU A 22 10.90 -12.92 4.25
C GLU A 22 10.87 -12.89 4.20
N MET A 23 11.37 -11.88 4.93
CA MET A 23 12.42 -10.99 4.45
C MET A 23 13.47 -10.81 5.55
N LYS A 24 14.57 -10.15 5.22
CA LYS A 24 15.64 -10.03 6.18
C LYS A 24 15.24 -9.22 7.41
N ARG A 25 14.36 -8.23 7.25
CA ARG A 25 13.96 -7.40 8.37
CA ARG A 25 13.94 -7.39 8.36
C ARG A 25 12.67 -7.86 9.04
N GLY A 26 12.08 -8.96 8.61
CA GLY A 26 10.92 -9.49 9.30
C GLY A 26 9.98 -10.24 8.37
N VAL A 27 8.96 -10.82 8.98
CA VAL A 27 7.92 -11.55 8.28
C VAL A 27 6.73 -10.63 8.05
N ILE A 28 6.14 -10.73 6.85
CA ILE A 28 4.93 -10.02 6.49
C ILE A 28 3.81 -11.04 6.35
N ARG A 29 2.80 -10.95 7.19
CA ARG A 29 1.63 -11.82 7.13
C ARG A 29 0.68 -11.33 6.04
N THR A 30 0.20 -12.23 5.20
CA THR A 30 -0.66 -11.83 4.08
C THR A 30 -2.01 -12.55 4.19
N PRO A 31 -3.10 -11.89 3.77
CA PRO A 31 -3.12 -10.54 3.22
C PRO A 31 -2.67 -9.48 4.23
N ALA A 32 -1.94 -8.50 3.72
CA ALA A 32 -1.30 -7.47 4.52
C ALA A 32 -1.84 -6.10 4.19
N PHE A 33 -1.97 -5.25 5.21
CA PHE A 33 -2.20 -3.82 5.02
C PHE A 33 -0.97 -3.04 5.47
N MET A 34 -0.48 -2.15 4.61
CA MET A 34 0.69 -1.33 4.86
C MET A 34 0.26 0.08 5.19
N PRO A 35 0.44 0.55 6.42
CA PRO A 35 0.28 1.97 6.70
C PRO A 35 1.22 2.79 5.84
N VAL A 36 0.78 3.98 5.46
CA VAL A 36 1.53 4.85 4.59
C VAL A 36 2.33 5.83 5.42
N GLY A 37 3.63 5.88 5.15
CA GLY A 37 4.54 6.76 5.86
C GLY A 37 5.30 7.65 4.90
N THR A 38 4.54 8.32 4.03
CA THR A 38 5.05 9.14 2.93
C THR A 38 6.36 9.87 3.21
N ALA A 39 6.33 10.81 4.15
CA ALA A 39 7.48 11.68 4.47
C ALA A 39 8.31 11.14 5.62
N ALA A 40 8.56 9.84 5.62
CA ALA A 40 9.38 9.19 6.66
C ALA A 40 8.71 9.27 8.02
N THR A 41 7.38 9.24 8.03
CA THR A 41 6.60 9.08 9.26
C THR A 41 5.21 8.61 8.88
N VAL A 42 4.69 7.65 9.64
CA VAL A 42 3.27 7.34 9.60
C VAL A 42 2.61 8.41 10.45
N LYS A 43 1.82 9.27 9.83
CA LYS A 43 1.47 10.54 10.45
C LYS A 43 0.84 10.33 11.82
N ALA A 44 1.39 11.03 12.82
CA ALA A 44 0.92 11.10 14.18
C ALA A 44 1.20 9.86 15.01
N LEU A 45 2.03 8.93 14.53
CA LEU A 45 2.37 7.71 15.28
C LEU A 45 3.88 7.51 15.36
N LYS A 46 4.37 7.21 16.56
CA LYS A 46 5.71 6.65 16.66
C LYS A 46 5.75 5.28 16.00
N PRO A 47 6.91 4.86 15.48
CA PRO A 47 7.03 3.50 14.92
C PRO A 47 6.62 2.41 15.89
N GLU A 48 6.93 2.54 17.18
CA GLU A 48 6.54 1.50 18.11
C GLU A 48 5.03 1.36 18.18
N THR A 49 4.32 2.48 18.04
CA THR A 49 2.85 2.44 18.03
C THR A 49 2.34 1.79 16.76
N VAL A 50 2.96 2.11 15.63
CA VAL A 50 2.60 1.44 14.38
C VAL A 50 2.75 -0.06 14.55
N ARG A 51 3.86 -0.50 15.13
CA ARG A 51 4.06 -1.93 15.31
C ARG A 51 3.03 -2.52 16.27
N ALA A 52 2.71 -1.79 17.34
CA ALA A 52 1.77 -2.29 18.35
C ALA A 52 0.39 -2.54 17.75
N THR A 53 0.02 -1.82 16.68
CA THR A 53 -1.26 -2.08 16.03
C THR A 53 -1.27 -3.38 15.25
N GLY A 54 -0.09 -3.98 14.99
CA GLY A 54 0.01 -5.20 14.23
C GLY A 54 0.66 -5.07 12.87
N ALA A 55 1.01 -3.87 12.43
CA ALA A 55 1.61 -3.71 11.12
C ALA A 55 2.96 -4.41 11.04
N ASP A 56 3.17 -5.11 9.93
CA ASP A 56 4.42 -5.81 9.63
C ASP A 56 5.34 -5.04 8.69
N ILE A 57 4.81 -4.07 7.95
CA ILE A 57 5.53 -3.38 6.90
C ILE A 57 4.80 -2.06 6.69
N ILE A 58 5.55 -1.02 6.31
CA ILE A 58 5.01 0.30 6.01
C ILE A 58 5.48 0.71 4.63
N LEU A 59 4.80 1.70 4.07
CA LEU A 59 5.09 2.25 2.75
C LEU A 59 5.76 3.62 2.86
N GLY A 60 6.84 3.82 2.09
CA GLY A 60 7.40 5.14 1.87
C GLY A 60 7.29 5.54 0.40
N ASN A 61 7.53 6.82 0.12
CA ASN A 61 7.30 7.37 -1.21
C ASN A 61 8.58 7.95 -1.81
N THR A 62 9.03 7.39 -2.94
CA THR A 62 10.22 7.90 -3.62
C THR A 62 10.07 9.38 -3.96
N TYR A 63 8.92 9.79 -4.48
CA TYR A 63 8.75 11.18 -4.91
C TYR A 63 8.91 12.13 -3.73
N HIS A 64 8.20 11.90 -2.63
CA HIS A 64 8.28 12.85 -1.53
C HIS A 64 9.66 12.86 -0.88
N LEU A 65 10.25 11.68 -0.67
CA LEU A 65 11.54 11.60 0.02
C LEU A 65 12.68 12.13 -0.82
N MET A 66 12.60 12.03 -2.15
CA MET A 66 13.67 12.58 -2.97
C MET A 66 13.69 14.10 -2.91
N LEU A 67 12.55 14.72 -2.62
CA LEU A 67 12.48 16.16 -2.51
C LEU A 67 12.83 16.64 -1.10
N ARG A 68 12.41 15.90 -0.09
CA ARG A 68 12.56 16.32 1.28
C ARG A 68 12.50 15.07 2.13
N PRO A 69 13.59 14.71 2.81
CA PRO A 69 14.86 15.41 2.99
C PRO A 69 15.90 15.22 1.87
N GLY A 70 15.61 14.34 0.93
CA GLY A 70 16.53 13.98 -0.15
C GLY A 70 17.08 12.57 0.03
N ALA A 71 17.26 11.87 -1.09
CA ALA A 71 17.68 10.48 -1.03
C ALA A 71 19.13 10.33 -0.59
N GLU A 72 20.05 11.12 -1.18
N GLU A 72 20.02 11.12 -1.21
CA GLU A 72 21.43 11.00 -0.76
CA GLU A 72 21.43 11.10 -0.82
C GLU A 72 21.61 11.42 0.69
C GLU A 72 21.57 11.41 0.67
N ARG A 73 20.82 12.41 1.15
CA ARG A 73 20.89 12.77 2.56
C ARG A 73 20.45 11.62 3.44
N ILE A 74 19.32 10.98 3.12
CA ILE A 74 18.89 9.83 3.92
C ILE A 74 19.96 8.75 3.93
N ALA A 75 20.60 8.49 2.78
CA ALA A 75 21.65 7.46 2.77
C ALA A 75 22.81 7.86 3.65
N LYS A 76 23.18 9.14 3.62
CA LYS A 76 24.29 9.61 4.45
C LYS A 76 23.95 9.49 5.94
N LEU A 77 22.67 9.59 6.27
CA LEU A 77 22.22 9.48 7.65
C LEU A 77 21.98 8.03 8.07
N GLY A 78 22.28 7.08 7.19
CA GLY A 78 22.20 5.67 7.53
C GLY A 78 21.02 4.92 6.96
N GLY A 79 20.24 5.51 6.07
CA GLY A 79 19.12 4.84 5.45
C GLY A 79 17.80 5.19 6.12
N LEU A 80 16.71 4.90 5.41
CA LEU A 80 15.39 5.30 5.87
C LEU A 80 15.02 4.63 7.19
N HIS A 81 15.35 3.35 7.37
CA HIS A 81 14.97 2.63 8.59
C HIS A 81 15.57 3.30 9.81
N SER A 82 16.87 3.60 9.74
CA SER A 82 17.55 4.24 10.86
C SER A 82 17.02 5.65 11.07
N PHE A 83 16.84 6.40 9.99
CA PHE A 83 16.37 7.79 10.05
C PHE A 83 15.05 7.90 10.82
N MET A 84 14.08 7.07 10.50
CA MET A 84 12.75 7.20 11.10
C MET A 84 12.51 6.25 12.27
N GLY A 85 13.42 5.32 12.53
CA GLY A 85 13.28 4.42 13.66
C GLY A 85 12.29 3.29 13.45
N TRP A 86 12.16 2.80 12.23
CA TRP A 86 11.36 1.62 11.92
C TRP A 86 12.29 0.56 11.36
N ASP A 87 12.44 -0.56 12.07
CA ASP A 87 13.46 -1.54 11.70
C ASP A 87 12.91 -2.75 10.94
N ARG A 88 11.62 -2.76 10.62
CA ARG A 88 10.98 -3.83 9.87
C ARG A 88 10.91 -3.47 8.39
N PRO A 89 10.34 -4.32 7.54
CA PRO A 89 10.34 -4.01 6.11
C PRO A 89 9.64 -2.70 5.78
N ILE A 90 10.15 -2.07 4.72
CA ILE A 90 9.57 -0.89 4.10
C ILE A 90 9.46 -1.17 2.61
N LEU A 91 8.27 -0.92 2.04
CA LEU A 91 8.08 -0.89 0.60
C LEU A 91 8.06 0.56 0.15
N THR A 92 8.78 0.87 -0.93
CA THR A 92 8.74 2.21 -1.49
C THR A 92 8.08 2.22 -2.86
N ASP A 93 7.09 3.11 -3.04
N ASP A 93 7.10 3.09 -3.04
CA ASP A 93 6.59 3.33 -4.39
CA ASP A 93 6.61 3.28 -4.40
C ASP A 93 7.68 4.01 -5.21
C ASP A 93 7.68 4.01 -5.21
N SER A 94 7.55 3.94 -6.52
CA SER A 94 8.63 4.34 -7.41
C SER A 94 8.64 5.81 -7.78
N GLY A 95 7.58 6.55 -7.46
CA GLY A 95 7.47 7.95 -7.79
C GLY A 95 6.63 8.23 -9.02
N GLY A 96 6.33 7.21 -9.83
CA GLY A 96 5.73 7.45 -11.12
C GLY A 96 4.31 7.99 -11.07
N TYR A 97 3.59 7.68 -10.00
CA TYR A 97 2.23 8.18 -9.87
C TYR A 97 2.21 9.60 -9.30
N GLN A 98 3.01 9.86 -8.26
CA GLN A 98 3.02 11.17 -7.63
C GLN A 98 3.58 12.22 -8.57
N VAL A 99 4.59 11.86 -9.37
CA VAL A 99 5.15 12.82 -10.30
C VAL A 99 4.06 13.36 -11.20
N MET A 100 3.08 12.52 -11.56
CA MET A 100 1.98 12.98 -12.39
C MET A 100 0.87 13.66 -11.59
N SER A 101 0.65 13.24 -10.35
CA SER A 101 -0.49 13.76 -9.59
C SER A 101 -0.19 15.03 -8.80
N LEU A 102 1.07 15.24 -8.37
CA LEU A 102 1.41 16.35 -7.50
C LEU A 102 2.28 17.42 -8.15
N SER A 103 3.02 17.09 -9.20
CA SER A 103 3.88 18.07 -9.86
C SER A 103 3.04 19.01 -10.71
N THR A 106 5.40 19.21 -16.02
CA THR A 106 6.03 17.90 -16.18
C THR A 106 6.25 17.60 -17.67
N LYS A 107 7.40 16.99 -17.99
CA LYS A 107 7.76 16.64 -19.35
C LYS A 107 8.06 15.15 -19.40
N GLN A 108 7.32 14.41 -20.22
CA GLN A 108 7.43 12.96 -20.31
C GLN A 108 8.04 12.55 -21.64
N SER A 109 8.92 11.55 -21.59
CA SER A 109 9.54 10.99 -22.78
C SER A 109 9.85 9.54 -22.51
N GLU A 110 10.46 8.89 -23.49
CA GLU A 110 10.84 7.50 -23.30
C GLU A 110 11.91 7.35 -22.22
N GLU A 111 12.72 8.38 -22.00
CA GLU A 111 13.79 8.30 -21.00
C GLU A 111 13.25 8.34 -19.58
N GLY A 112 12.18 9.09 -19.36
CA GLY A 112 11.59 9.28 -18.03
C GLY A 112 10.75 10.54 -18.00
N VAL A 113 10.71 11.18 -16.82
CA VAL A 113 9.89 12.36 -16.59
C VAL A 113 10.76 13.45 -15.97
N THR A 114 10.67 14.66 -16.48
CA THR A 114 11.18 15.83 -15.77
C THR A 114 10.00 16.60 -15.22
N PHE A 115 10.18 17.20 -14.05
CA PHE A 115 9.05 17.81 -13.36
C PHE A 115 9.52 18.90 -12.41
N LYS A 116 8.56 19.74 -12.01
CA LYS A 116 8.78 20.78 -11.01
C LYS A 116 8.24 20.30 -9.66
N SER A 117 9.05 20.48 -8.62
CA SER A 117 8.63 20.13 -7.27
C SER A 117 7.41 20.93 -6.87
N HIS A 118 6.49 20.27 -6.15
CA HIS A 118 5.34 20.97 -5.59
C HIS A 118 5.71 21.80 -4.36
N LEU A 119 6.90 21.60 -3.81
CA LEU A 119 7.31 22.38 -2.63
C LEU A 119 7.87 23.73 -3.02
N ASP A 120 8.64 23.80 -4.12
CA ASP A 120 9.32 25.05 -4.46
C ASP A 120 9.54 25.23 -5.95
N GLY A 121 9.00 24.38 -6.81
CA GLY A 121 9.18 24.56 -8.23
C GLY A 121 10.55 24.22 -8.77
N SER A 122 11.44 23.67 -7.93
CA SER A 122 12.73 23.20 -8.44
C SER A 122 12.54 22.04 -9.39
N ARG A 123 13.53 21.82 -10.26
CA ARG A 123 13.43 20.85 -11.33
C ARG A 123 14.12 19.55 -10.95
N HIS A 124 13.47 18.43 -11.24
CA HIS A 124 14.01 17.12 -10.92
C HIS A 124 13.70 16.17 -12.06
N MET A 125 14.35 15.01 -12.01
CA MET A 125 14.20 13.97 -13.01
C MET A 125 13.92 12.65 -12.32
N LEU A 126 13.03 11.87 -12.92
CA LEU A 126 12.88 10.48 -12.58
C LEU A 126 12.94 9.66 -13.84
N SER A 127 13.45 8.45 -13.68
CA SER A 127 13.58 7.48 -14.75
C SER A 127 13.62 6.12 -14.08
N PRO A 128 13.49 5.04 -14.85
CA PRO A 128 13.67 3.73 -14.20
C PRO A 128 14.98 3.65 -13.42
N GLU A 129 16.08 4.12 -14.01
CA GLU A 129 17.37 3.96 -13.37
C GLU A 129 17.49 4.84 -12.14
N ARG A 130 16.97 6.08 -12.22
CA ARG A 130 17.09 7.00 -11.09
C ARG A 130 16.15 6.60 -9.97
N SER A 131 14.95 6.13 -10.31
CA SER A 131 14.02 5.64 -9.29
C SER A 131 14.62 4.48 -8.51
N ILE A 132 15.22 3.53 -9.23
CA ILE A 132 15.84 2.38 -8.56
C ILE A 132 17.00 2.85 -7.68
N GLU A 133 17.82 3.80 -8.19
CA GLU A 133 18.93 4.30 -7.40
CA GLU A 133 18.93 4.31 -7.40
C GLU A 133 18.43 5.02 -6.14
N ILE A 134 17.37 5.83 -6.26
CA ILE A 134 16.83 6.48 -5.07
C ILE A 134 16.36 5.44 -4.05
N GLN A 135 15.65 4.41 -4.53
CA GLN A 135 15.19 3.38 -3.61
C GLN A 135 16.35 2.62 -2.99
N HIS A 136 17.46 2.45 -3.73
CA HIS A 136 18.66 1.86 -3.15
C HIS A 136 19.21 2.72 -2.03
N LEU A 137 19.34 4.03 -2.28
CA LEU A 137 19.83 4.97 -1.28
C LEU A 137 18.94 4.97 -0.04
N LEU A 138 17.62 4.87 -0.22
CA LEU A 138 16.74 4.82 0.94
C LEU A 138 16.90 3.52 1.70
N GLY A 139 17.30 2.46 1.02
CA GLY A 139 17.43 1.16 1.65
C GLY A 139 16.15 0.37 1.76
N SER A 140 15.18 0.63 0.90
CA SER A 140 13.93 -0.09 1.11
C SER A 140 14.06 -1.56 0.77
N ASP A 141 13.17 -2.32 1.36
CA ASP A 141 13.18 -3.77 1.27
C ASP A 141 12.41 -4.27 0.07
N ILE A 142 11.28 -3.65 -0.25
CA ILE A 142 10.55 -3.92 -1.48
C ILE A 142 10.58 -2.68 -2.33
N VAL A 143 11.17 -2.82 -3.51
CA VAL A 143 11.38 -1.76 -4.48
C VAL A 143 10.33 -1.92 -5.58
N MET A 144 9.65 -0.84 -5.93
CA MET A 144 8.71 -0.86 -7.04
C MET A 144 9.37 -0.42 -8.34
N ALA A 145 9.09 -1.15 -9.41
CA ALA A 145 9.48 -0.69 -10.73
C ALA A 145 8.85 0.66 -11.03
N PHE A 146 9.54 1.43 -11.86
CA PHE A 146 9.08 2.76 -12.24
C PHE A 146 8.14 2.64 -13.44
N ASP A 147 6.91 3.16 -13.30
CA ASP A 147 5.90 3.00 -14.34
C ASP A 147 5.37 4.34 -14.81
N GLU A 148 4.61 4.29 -15.90
CA GLU A 148 3.90 5.45 -16.43
C GLU A 148 2.42 5.22 -16.17
N CYS A 149 1.80 6.14 -15.46
CA CYS A 149 0.42 5.93 -15.02
C CYS A 149 -0.55 6.35 -16.12
N THR A 150 -1.60 5.54 -16.29
CA THR A 150 -2.58 5.75 -17.35
C THR A 150 -3.81 6.43 -16.75
N PRO A 151 -4.18 7.63 -17.19
CA PRO A 151 -5.39 8.26 -16.64
C PRO A 151 -6.62 7.43 -16.95
N TYR A 152 -7.66 7.65 -16.15
CA TYR A 152 -8.96 7.04 -16.38
C TYR A 152 -10.00 8.12 -16.66
N PRO A 153 -10.81 7.97 -17.72
CA PRO A 153 -10.76 6.89 -18.72
C PRO A 153 -9.68 7.12 -19.77
N ALA A 154 -9.33 6.05 -20.48
CA ALA A 154 -8.35 6.14 -21.56
C ALA A 154 -8.85 5.33 -22.74
N THR A 155 -8.54 5.81 -23.94
CA THR A 155 -8.84 5.02 -25.12
C THR A 155 -8.01 3.74 -25.08
N PRO A 156 -8.48 2.67 -25.72
CA PRO A 156 -7.64 1.48 -25.82
C PRO A 156 -6.25 1.77 -26.36
N SER A 157 -6.14 2.65 -27.36
CA SER A 157 -4.84 2.90 -27.96
C SER A 157 -3.92 3.66 -27.01
N ARG A 158 -4.43 4.66 -26.29
CA ARG A 158 -3.59 5.36 -25.31
C ARG A 158 -3.24 4.46 -24.13
N ALA A 159 -4.17 3.62 -23.69
CA ALA A 159 -3.84 2.67 -22.63
C ALA A 159 -2.78 1.69 -23.11
N ALA A 160 -2.83 1.28 -24.37
CA ALA A 160 -1.84 0.34 -24.88
C ALA A 160 -0.46 0.98 -24.95
N SER A 161 -0.36 2.20 -25.47
CA SER A 161 0.95 2.82 -25.60
C SER A 161 1.55 3.11 -24.22
N SER A 162 0.71 3.48 -23.26
CA SER A 162 1.18 3.74 -21.91
C SER A 162 1.63 2.45 -21.25
N MET A 163 0.84 1.37 -21.41
CA MET A 163 1.22 0.08 -20.86
C MET A 163 2.53 -0.40 -21.47
N GLU A 164 2.68 -0.26 -22.78
CA GLU A 164 3.90 -0.71 -23.45
C GLU A 164 5.13 0.03 -22.94
N ARG A 165 5.02 1.35 -22.78
CA ARG A 165 6.14 2.10 -22.20
C ARG A 165 6.43 1.60 -20.79
N SER A 166 5.38 1.40 -19.99
CA SER A 166 5.58 0.88 -18.64
C SER A 166 6.32 -0.45 -18.66
N MET A 167 6.03 -1.30 -19.65
CA MET A 167 6.70 -2.59 -19.70
C MET A 167 8.17 -2.43 -20.08
N ARG A 168 8.49 -1.51 -21.01
CA ARG A 168 9.90 -1.22 -21.28
C ARG A 168 10.59 -0.66 -20.04
N TRP A 169 9.89 0.20 -19.29
CA TRP A 169 10.46 0.73 -18.07
C TRP A 169 10.58 -0.33 -16.99
N ALA A 170 9.71 -1.35 -17.01
CA ALA A 170 9.83 -2.45 -16.06
C ALA A 170 11.11 -3.24 -16.31
N LYS A 171 11.44 -3.48 -17.59
CA LYS A 171 12.69 -4.17 -17.90
C LYS A 171 13.89 -3.32 -17.48
N ARG A 172 13.84 -2.02 -17.74
CA ARG A 172 14.94 -1.15 -17.31
C ARG A 172 15.05 -1.14 -15.78
N SER A 173 13.92 -1.18 -15.07
CA SER A 173 13.96 -1.23 -13.61
C SER A 173 14.61 -2.52 -13.12
N ARG A 174 14.21 -3.65 -13.72
CA ARG A 174 14.82 -4.94 -13.42
C ARG A 174 16.33 -4.89 -13.59
N ASP A 175 16.79 -4.35 -14.72
CA ASP A 175 18.22 -4.35 -15.00
C ASP A 175 18.97 -3.42 -14.06
N ALA A 176 18.38 -2.26 -13.73
CA ALA A 176 19.04 -1.34 -12.80
C ALA A 176 19.14 -1.95 -11.41
N PHE A 177 18.08 -2.60 -10.95
CA PHE A 177 18.10 -3.28 -9.66
C PHE A 177 19.14 -4.39 -9.64
N ASP A 178 19.18 -5.22 -10.69
CA ASP A 178 20.10 -6.35 -10.73
C ASP A 178 21.55 -5.91 -10.82
N SER A 179 21.81 -4.69 -11.28
CA SER A 179 23.16 -4.16 -11.36
C SER A 179 23.70 -3.71 -10.02
N ARG A 180 22.85 -3.59 -9.01
CA ARG A 180 23.24 -3.10 -7.69
CA ARG A 180 23.23 -3.09 -7.69
C ARG A 180 23.26 -4.29 -6.75
N LYS A 181 24.46 -4.83 -6.53
CA LYS A 181 24.64 -6.08 -5.78
C LYS A 181 23.95 -6.04 -4.43
N GLU A 182 24.11 -4.94 -3.71
CA GLU A 182 23.53 -4.79 -2.38
C GLU A 182 22.02 -4.92 -2.43
N GLN A 183 21.41 -4.30 -3.43
CA GLN A 183 19.98 -4.33 -3.61
C GLN A 183 19.53 -5.73 -4.02
N ALA A 184 20.21 -6.31 -5.00
CA ALA A 184 19.82 -7.63 -5.47
C ALA A 184 19.92 -8.69 -4.37
N GLU A 185 20.87 -8.52 -3.43
CA GLU A 185 21.04 -9.49 -2.36
C GLU A 185 20.06 -9.31 -1.22
N ASN A 186 19.63 -8.07 -0.93
CA ASN A 186 18.88 -7.79 0.28
C ASN A 186 17.46 -7.31 0.09
N ALA A 187 17.08 -6.90 -1.12
CA ALA A 187 15.76 -6.35 -1.37
C ALA A 187 15.04 -7.23 -2.39
N ALA A 188 13.75 -6.90 -2.59
CA ALA A 188 12.90 -7.53 -3.58
C ALA A 188 12.40 -6.45 -4.55
N LEU A 189 12.06 -6.87 -5.76
CA LEU A 189 11.60 -5.97 -6.80
C LEU A 189 10.24 -6.43 -7.30
N PHE A 190 9.27 -5.52 -7.28
CA PHE A 190 7.92 -5.80 -7.76
C PHE A 190 7.67 -5.08 -9.09
N GLY A 191 7.00 -5.76 -10.01
CA GLY A 191 6.57 -5.14 -11.25
C GLY A 191 5.11 -4.73 -11.15
N ILE A 192 4.71 -3.81 -12.02
CA ILE A 192 3.38 -3.21 -11.97
C ILE A 192 2.65 -3.46 -13.29
N GLN A 193 1.56 -4.21 -13.22
CA GLN A 193 0.72 -4.44 -14.38
C GLN A 193 -0.08 -3.19 -14.69
N GLN A 194 -0.18 -2.86 -15.98
CA GLN A 194 -1.01 -1.75 -16.47
C GLN A 194 -1.97 -2.29 -17.52
N GLY A 195 -2.60 -1.39 -18.28
CA GLY A 195 -3.59 -1.79 -19.27
C GLY A 195 -4.99 -1.26 -19.04
N SER A 196 -5.15 -0.35 -18.08
CA SER A 196 -6.43 0.32 -17.81
C SER A 196 -7.48 -0.75 -17.54
N VAL A 197 -8.66 -0.69 -18.16
CA VAL A 197 -9.75 -1.62 -17.91
C VAL A 197 -9.86 -2.69 -19.00
N PHE A 198 -8.84 -2.83 -19.84
CA PHE A 198 -8.93 -3.67 -21.03
C PHE A 198 -8.25 -5.01 -20.83
N GLU A 199 -9.02 -6.08 -20.98
CA GLU A 199 -8.54 -7.42 -20.68
C GLU A 199 -7.34 -7.79 -21.54
N ASN A 200 -7.38 -7.49 -22.85
CA ASN A 200 -6.27 -7.88 -23.72
C ASN A 200 -4.98 -7.19 -23.33
N LEU A 201 -5.06 -5.90 -22.93
CA LEU A 201 -3.86 -5.18 -22.53
C LEU A 201 -3.35 -5.66 -21.19
N ARG A 202 -4.25 -5.95 -20.25
CA ARG A 202 -3.86 -6.51 -18.97
C ARG A 202 -3.15 -7.84 -19.18
N GLN A 203 -3.60 -8.64 -20.15
CA GLN A 203 -2.91 -9.89 -20.45
C GLN A 203 -1.54 -9.64 -21.04
N GLN A 204 -1.43 -8.72 -22.00
CA GLN A 204 -0.13 -8.41 -22.58
C GLN A 204 0.82 -7.91 -21.51
N SER A 205 0.31 -7.08 -20.58
CA SER A 205 1.14 -6.55 -19.52
C SER A 205 1.60 -7.65 -18.58
N ALA A 206 0.67 -8.54 -18.17
CA ALA A 206 1.06 -9.64 -17.30
C ALA A 206 2.11 -10.53 -17.97
N ASP A 207 1.94 -10.82 -19.26
CA ASP A 207 2.90 -11.66 -19.97
C ASP A 207 4.27 -11.01 -20.01
N ALA A 208 4.33 -9.71 -20.27
CA ALA A 208 5.62 -9.01 -20.32
C ALA A 208 6.30 -9.04 -18.96
N LEU A 209 5.53 -8.81 -17.88
CA LEU A 209 6.13 -8.80 -16.56
C LEU A 209 6.67 -10.18 -16.18
N ALA A 210 5.90 -11.23 -16.47
CA ALA A 210 6.34 -12.58 -16.12
C ALA A 210 7.57 -12.98 -16.91
N GLU A 211 7.69 -12.51 -18.16
CA GLU A 211 8.87 -12.79 -18.96
C GLU A 211 10.12 -12.15 -18.36
N ILE A 212 9.98 -10.92 -17.85
CA ILE A 212 11.08 -10.26 -17.16
C ILE A 212 11.40 -10.97 -15.86
N GLY A 213 10.35 -11.25 -15.07
CA GLY A 213 10.45 -11.92 -13.79
C GLY A 213 10.57 -10.94 -12.64
N PHE A 214 9.63 -11.00 -11.69
CA PHE A 214 9.65 -10.16 -10.50
C PHE A 214 9.37 -11.00 -9.27
N ASP A 215 9.71 -10.44 -8.10
CA ASP A 215 9.41 -11.08 -6.83
C ASP A 215 7.93 -10.97 -6.46
N GLY A 216 7.25 -9.97 -7.01
CA GLY A 216 5.83 -9.74 -6.76
C GLY A 216 5.29 -8.87 -7.87
N TYR A 217 3.96 -8.81 -7.94
CA TYR A 217 3.28 -8.17 -9.06
C TYR A 217 2.16 -7.31 -8.50
N ALA A 218 2.19 -6.04 -8.82
CA ALA A 218 1.15 -5.12 -8.45
C ALA A 218 0.16 -4.97 -9.60
N VAL A 219 -1.11 -4.78 -9.24
CA VAL A 219 -2.11 -4.37 -10.19
C VAL A 219 -2.15 -2.85 -10.09
N GLY A 220 -1.58 -2.18 -11.08
CA GLY A 220 -1.57 -0.75 -11.10
C GLY A 220 -2.71 -0.20 -11.93
N GLY A 221 -2.91 1.10 -11.81
CA GLY A 221 -3.88 1.78 -12.64
C GLY A 221 -5.32 1.63 -12.24
N LEU A 222 -5.60 1.13 -11.04
CA LEU A 222 -6.96 1.04 -10.54
C LEU A 222 -7.14 1.97 -9.35
N ALA A 223 -8.37 2.08 -8.88
CA ALA A 223 -8.72 3.03 -7.83
C ALA A 223 -8.28 4.44 -8.22
N VAL A 224 -8.58 4.80 -9.46
CA VAL A 224 -8.25 6.12 -10.00
C VAL A 224 -9.50 6.79 -10.57
N GLY A 225 -10.66 6.43 -10.02
CA GLY A 225 -11.93 7.06 -10.39
C GLY A 225 -12.93 6.15 -11.06
N GLU A 226 -12.62 4.89 -11.27
CA GLU A 226 -13.53 4.00 -11.99
C GLU A 226 -14.65 3.44 -11.11
N GLY A 227 -14.49 3.46 -9.79
CA GLY A 227 -15.49 2.93 -8.88
C GLY A 227 -15.27 1.46 -8.58
N GLN A 228 -15.91 1.00 -7.49
CA GLN A 228 -15.69 -0.35 -7.01
C GLN A 228 -16.15 -1.42 -8.00
N ASP A 229 -17.33 -1.25 -8.61
CA ASP A 229 -17.82 -2.27 -9.52
C ASP A 229 -16.84 -2.52 -10.66
N GLU A 230 -16.36 -1.43 -11.27
CA GLU A 230 -15.41 -1.57 -12.37
C GLU A 230 -14.07 -2.10 -11.89
N MET A 231 -13.61 -1.61 -10.74
CA MET A 231 -12.35 -2.13 -10.20
C MET A 231 -12.43 -3.64 -9.99
N PHE A 232 -13.54 -4.09 -9.38
CA PHE A 232 -13.74 -5.52 -9.16
C PHE A 232 -13.83 -6.30 -10.47
N ARG A 233 -14.54 -5.75 -11.47
CA ARG A 233 -14.60 -6.39 -12.78
C ARG A 233 -13.20 -6.59 -13.37
N VAL A 234 -12.36 -5.56 -13.28
CA VAL A 234 -11.01 -5.66 -13.84
C VAL A 234 -10.18 -6.64 -13.03
N LEU A 235 -10.29 -6.61 -11.70
CA LEU A 235 -9.56 -7.56 -10.88
C LEU A 235 -9.97 -8.99 -11.21
N ASP A 236 -11.26 -9.21 -11.52
CA ASP A 236 -11.76 -10.54 -11.82
C ASP A 236 -10.92 -11.23 -12.88
N PHE A 237 -10.59 -10.54 -13.98
CA PHE A 237 -9.76 -11.16 -15.00
C PHE A 237 -8.28 -10.86 -14.87
N SER A 238 -7.90 -9.77 -14.18
CA SER A 238 -6.49 -9.37 -14.18
C SER A 238 -5.64 -10.16 -13.22
N VAL A 239 -6.12 -10.42 -12.01
CA VAL A 239 -5.27 -11.10 -11.02
C VAL A 239 -4.91 -12.51 -11.48
N PRO A 240 -5.80 -13.28 -12.10
CA PRO A 240 -5.42 -14.65 -12.53
C PRO A 240 -4.35 -14.66 -13.60
N MET A 241 -4.12 -13.54 -14.27
CA MET A 241 -3.06 -13.47 -15.27
C MET A 241 -1.66 -13.40 -14.66
N LEU A 242 -1.55 -12.98 -13.41
CA LEU A 242 -0.26 -12.82 -12.76
C LEU A 242 0.22 -14.18 -12.26
N PRO A 243 1.52 -14.35 -12.11
CA PRO A 243 2.00 -15.61 -11.53
C PRO A 243 1.32 -15.87 -10.19
N ASP A 244 0.81 -17.09 -10.04
CA ASP A 244 0.10 -17.47 -8.82
C ASP A 244 1.05 -17.53 -7.63
N ASP A 245 2.31 -17.90 -7.86
CA ASP A 245 3.24 -18.20 -6.79
C ASP A 245 3.97 -16.98 -6.24
N LYS A 246 3.57 -15.77 -6.63
CA LYS A 246 4.16 -14.54 -6.11
C LYS A 246 3.08 -13.64 -5.54
N PRO A 247 3.43 -12.75 -4.62
CA PRO A 247 2.41 -11.86 -4.05
C PRO A 247 1.80 -10.93 -5.10
N HIS A 248 0.54 -10.58 -4.85
CA HIS A 248 -0.26 -9.70 -5.70
C HIS A 248 -0.61 -8.48 -4.85
N TYR A 249 -0.24 -7.29 -5.33
CA TYR A 249 -0.34 -6.06 -4.56
C TYR A 249 -1.28 -5.09 -5.26
N LEU A 250 -2.33 -4.67 -4.57
CA LEU A 250 -3.24 -3.65 -5.11
C LEU A 250 -2.87 -2.33 -4.46
N MET A 251 -2.35 -1.40 -5.27
CA MET A 251 -1.79 -0.16 -4.77
C MET A 251 -2.89 0.88 -4.53
N GLY A 252 -2.84 1.54 -3.39
CA GLY A 252 -3.76 2.64 -3.10
C GLY A 252 -5.20 2.22 -2.91
N VAL A 253 -5.42 1.08 -2.27
CA VAL A 253 -6.75 0.56 -1.93
C VAL A 253 -6.64 0.03 -0.47
N GLY A 254 -7.62 0.31 0.39
CA GLY A 254 -8.75 1.14 0.13
C GLY A 254 -9.67 1.08 1.36
N LYS A 255 -10.94 1.29 1.10
CA LYS A 255 -11.94 1.16 2.13
C LYS A 255 -12.01 -0.29 2.56
N PRO A 256 -12.50 -0.56 3.78
CA PRO A 256 -12.56 -1.95 4.24
C PRO A 256 -13.25 -2.91 3.27
N ASP A 257 -14.38 -2.51 2.68
CA ASP A 257 -15.07 -3.39 1.75
CA ASP A 257 -15.07 -3.39 1.75
C ASP A 257 -14.29 -3.58 0.45
N ASP A 258 -13.52 -2.57 0.02
CA ASP A 258 -12.64 -2.75 -1.13
C ASP A 258 -11.62 -3.83 -0.84
N ILE A 259 -11.03 -3.79 0.36
CA ILE A 259 -10.03 -4.78 0.74
C ILE A 259 -10.63 -6.19 0.73
N VAL A 260 -11.78 -6.38 1.36
CA VAL A 260 -12.38 -7.71 1.44
C VAL A 260 -12.65 -8.25 0.04
N GLY A 261 -13.24 -7.41 -0.82
CA GLY A 261 -13.54 -7.87 -2.17
C GLY A 261 -12.29 -8.14 -2.99
N ALA A 262 -11.24 -7.35 -2.79
CA ALA A 262 -9.99 -7.57 -3.50
C ALA A 262 -9.31 -8.87 -3.03
N VAL A 263 -9.38 -9.17 -1.74
CA VAL A 263 -8.85 -10.45 -1.25
C VAL A 263 -9.62 -11.61 -1.88
N GLU A 264 -10.95 -11.47 -1.98
CA GLU A 264 -11.76 -12.49 -2.64
C GLU A 264 -11.36 -12.70 -4.09
N ARG A 265 -10.61 -11.76 -4.66
CA ARG A 265 -10.17 -11.83 -6.05
C ARG A 265 -8.66 -12.09 -6.19
N GLY A 266 -7.98 -12.41 -5.08
CA GLY A 266 -6.62 -12.88 -5.12
C GLY A 266 -5.55 -11.88 -4.77
N ILE A 267 -5.91 -10.73 -4.18
CA ILE A 267 -4.92 -9.76 -3.75
C ILE A 267 -4.38 -10.10 -2.36
N ASP A 268 -3.06 -9.94 -2.20
CA ASP A 268 -2.32 -10.25 -0.99
C ASP A 268 -1.84 -9.04 -0.19
N MET A 269 -1.75 -7.86 -0.80
CA MET A 269 -1.13 -6.71 -0.15
C MET A 269 -1.87 -5.45 -0.59
N PHE A 270 -1.92 -4.49 0.34
CA PHE A 270 -2.66 -3.24 0.20
C PHE A 270 -1.89 -2.11 0.90
N ASP A 271 -2.07 -0.89 0.37
CA ASP A 271 -1.68 0.33 1.09
C ASP A 271 -2.75 1.37 0.81
N CYS A 272 -3.00 2.23 1.79
CA CYS A 272 -3.88 3.37 1.55
C CYS A 272 -3.70 4.40 2.67
N VAL A 273 -3.86 5.66 2.30
CA VAL A 273 -3.87 6.74 3.29
C VAL A 273 -5.18 6.87 4.04
N LEU A 274 -6.24 6.17 3.64
CA LEU A 274 -7.54 6.39 4.26
C LEU A 274 -7.52 6.31 5.78
N PRO A 275 -6.97 5.27 6.42
CA PRO A 275 -7.08 5.21 7.90
C PRO A 275 -6.38 6.36 8.60
N THR A 276 -5.21 6.76 8.11
CA THR A 276 -4.47 7.86 8.72
C THR A 276 -5.13 9.20 8.41
N ARG A 277 -5.35 9.49 7.12
CA ARG A 277 -5.93 10.77 6.74
C ARG A 277 -7.30 10.95 7.34
N SER A 278 -8.16 9.95 7.21
CA SER A 278 -9.52 10.16 7.69
C SER A 278 -9.54 10.20 9.21
N GLY A 279 -8.61 9.52 9.88
CA GLY A 279 -8.50 9.65 11.32
C GLY A 279 -8.26 11.08 11.74
N ARG A 280 -7.27 11.75 11.12
CA ARG A 280 -6.98 13.14 11.43
C ARG A 280 -8.19 14.03 11.19
N ASN A 281 -9.01 13.70 10.20
CA ASN A 281 -10.17 14.49 9.84
C ASN A 281 -11.43 14.08 10.60
N GLY A 282 -11.34 13.18 11.56
CA GLY A 282 -12.45 12.88 12.44
C GLY A 282 -13.31 11.69 12.08
N GLN A 283 -12.90 10.86 11.13
CA GLN A 283 -13.66 9.67 10.77
C GLN A 283 -12.99 8.46 11.40
N ALA A 284 -13.74 7.71 12.20
CA ALA A 284 -13.27 6.48 12.84
C ALA A 284 -13.94 5.28 12.23
N PHE A 285 -13.17 4.25 11.93
CA PHE A 285 -13.72 3.01 11.45
C PHE A 285 -14.24 2.15 12.60
N THR A 286 -15.41 1.58 12.40
CA THR A 286 -15.99 0.66 13.37
C THR A 286 -16.56 -0.53 12.61
N TRP A 287 -16.82 -1.61 13.35
CA TRP A 287 -17.41 -2.79 12.74
C TRP A 287 -18.84 -2.56 12.26
N ASP A 288 -19.48 -1.46 12.69
CA ASP A 288 -20.79 -1.05 12.21
C ASP A 288 -20.69 0.09 11.22
N GLY A 289 -19.51 0.28 10.62
CA GLY A 289 -19.31 1.32 9.63
C GLY A 289 -18.60 2.51 10.22
N PRO A 290 -18.17 3.43 9.36
CA PRO A 290 -17.47 4.61 9.84
C PRO A 290 -18.39 5.55 10.61
N ILE A 291 -17.79 6.28 11.56
CA ILE A 291 -18.49 7.33 12.30
C ILE A 291 -17.69 8.62 12.22
N ASN A 292 -18.41 9.74 12.27
CA ASN A 292 -17.80 11.07 12.29
C ASN A 292 -17.78 11.50 13.76
N ILE A 293 -16.61 11.37 14.40
CA ILE A 293 -16.55 11.54 15.84
C ILE A 293 -16.91 12.94 16.29
N ARG A 294 -16.78 13.93 15.40
CA ARG A 294 -17.14 15.30 15.74
C ARG A 294 -18.63 15.51 15.87
N ASN A 295 -19.44 14.59 15.36
CA ASN A 295 -20.88 14.75 15.43
C ASN A 295 -21.35 14.88 16.87
N ALA A 296 -22.32 15.78 17.07
CA ALA A 296 -22.84 16.07 18.40
C ALA A 296 -23.34 14.83 19.13
N ARG A 297 -23.73 13.78 18.43
CA ARG A 297 -24.26 12.61 19.10
C ARG A 297 -23.21 11.93 19.97
N PHE A 298 -21.93 12.26 19.80
CA PHE A 298 -20.88 11.59 20.57
C PHE A 298 -20.40 12.41 21.76
N SER A 299 -21.01 13.57 22.02
CA SER A 299 -20.47 14.49 23.01
C SER A 299 -20.48 13.93 24.43
N GLU A 300 -21.41 13.03 24.75
CA GLU A 300 -21.47 12.42 26.07
C GLU A 300 -21.44 10.90 26.00
N ASP A 301 -20.90 10.34 24.92
CA ASP A 301 -20.85 8.90 24.71
C ASP A 301 -19.59 8.34 25.37
N LEU A 302 -19.76 7.60 26.46
CA LEU A 302 -18.63 7.05 27.20
C LEU A 302 -18.11 5.75 26.61
N LYS A 303 -18.75 5.21 25.58
CA LYS A 303 -18.22 4.01 24.95
C LYS A 303 -16.95 4.36 24.20
N PRO A 304 -16.05 3.39 24.02
CA PRO A 304 -14.89 3.61 23.14
C PRO A 304 -15.33 3.74 21.69
N LEU A 305 -14.37 4.11 20.83
CA LEU A 305 -14.68 4.28 19.42
C LEU A 305 -15.40 3.06 18.87
N ASP A 306 -14.91 1.87 19.18
CA ASP A 306 -15.59 0.62 18.86
C ASP A 306 -15.50 -0.31 20.06
N SER A 307 -16.64 -0.86 20.47
CA SER A 307 -16.70 -1.61 21.72
C SER A 307 -16.15 -3.03 21.64
N GLU A 308 -15.70 -3.49 20.47
CA GLU A 308 -15.02 -4.76 20.35
C GLU A 308 -13.55 -4.63 19.97
N CYS A 309 -13.12 -3.42 19.59
CA CYS A 309 -11.74 -3.19 19.17
C CYS A 309 -10.77 -3.50 20.30
N HIS A 310 -9.65 -4.13 19.94
CA HIS A 310 -8.59 -4.50 20.88
C HIS A 310 -7.54 -3.40 21.06
N CYS A 311 -7.67 -2.25 20.42
CA CYS A 311 -6.55 -1.31 20.43
C CYS A 311 -6.44 -0.57 21.76
N ALA A 312 -5.29 0.06 21.97
CA ALA A 312 -5.03 0.72 23.24
C ALA A 312 -5.94 1.93 23.43
N VAL A 313 -6.33 2.57 22.32
CA VAL A 313 -7.21 3.74 22.43
C VAL A 313 -8.57 3.32 22.98
N CYS A 314 -9.12 2.23 22.46
CA CYS A 314 -10.41 1.74 22.91
C CYS A 314 -10.36 1.12 24.29
N GLN A 315 -9.19 0.79 24.81
CA GLN A 315 -9.10 0.35 26.19
C GLN A 315 -9.13 1.51 27.17
N LYS A 316 -8.80 2.73 26.72
CA LYS A 316 -8.50 3.82 27.65
C LYS A 316 -9.35 5.08 27.50
N TRP A 317 -9.88 5.39 26.32
CA TRP A 317 -10.56 6.68 26.13
C TRP A 317 -11.91 6.52 25.47
N SER A 318 -12.80 7.43 25.81
CA SER A 318 -14.16 7.43 25.30
C SER A 318 -14.30 8.21 24.00
N ARG A 319 -15.39 7.90 23.30
CA ARG A 319 -15.84 8.72 22.18
C ARG A 319 -15.98 10.17 22.60
N ALA A 320 -16.57 10.42 23.79
CA ALA A 320 -16.78 11.79 24.23
C ALA A 320 -15.46 12.55 24.33
N TYR A 321 -14.42 11.91 24.86
CA TYR A 321 -13.14 12.59 24.97
C TYR A 321 -12.54 12.86 23.60
N ILE A 322 -12.55 11.87 22.72
CA ILE A 322 -11.95 12.04 21.41
C ILE A 322 -12.72 13.07 20.58
N HIS A 323 -14.05 13.07 20.70
CA HIS A 323 -14.91 14.12 20.14
C HIS A 323 -14.41 15.50 20.56
N HIS A 324 -14.21 15.69 21.88
CA HIS A 324 -13.70 16.96 22.38
C HIS A 324 -12.35 17.31 21.76
N LEU A 325 -11.42 16.35 21.75
CA LEU A 325 -10.09 16.63 21.22
C LEU A 325 -10.14 17.07 19.77
N ILE A 326 -10.86 16.34 18.93
CA ILE A 326 -10.88 16.68 17.51
C ILE A 326 -11.54 18.04 17.29
N ARG A 327 -12.66 18.30 17.97
CA ARG A 327 -13.33 19.58 17.84
C ARG A 327 -12.42 20.72 18.28
N ALA A 328 -11.55 20.49 19.25
CA ALA A 328 -10.66 21.52 19.78
C ALA A 328 -9.37 21.65 18.98
N GLY A 329 -9.18 20.82 17.96
CA GLY A 329 -7.98 20.90 17.15
C GLY A 329 -6.75 20.33 17.82
N GLU A 330 -6.93 19.45 18.79
CA GLU A 330 -5.83 18.96 19.60
C GLU A 330 -5.06 17.83 18.91
N ILE A 331 -3.73 17.91 18.97
CA ILE A 331 -2.89 16.89 18.37
C ILE A 331 -3.21 15.49 18.92
N LEU A 332 -3.48 15.39 20.22
CA LEU A 332 -3.79 14.08 20.77
C LEU A 332 -5.03 13.46 20.11
N GLY A 333 -5.98 14.29 19.67
CA GLY A 333 -7.10 13.75 18.93
C GLY A 333 -6.66 13.02 17.67
N ALA A 334 -5.77 13.64 16.91
CA ALA A 334 -5.27 13.03 15.69
C ALA A 334 -4.49 11.76 16.01
N MET A 335 -3.71 11.80 17.09
CA MET A 335 -2.94 10.63 17.50
C MET A 335 -3.87 9.44 17.81
N LEU A 336 -4.89 9.68 18.64
CA LEU A 336 -5.76 8.59 19.08
C LEU A 336 -6.60 8.07 17.93
N MET A 337 -7.17 8.96 17.10
CA MET A 337 -7.96 8.50 15.97
C MET A 337 -7.11 7.69 15.00
N THR A 338 -5.88 8.13 14.77
CA THR A 338 -5.02 7.42 13.82
C THR A 338 -4.63 6.06 14.35
N GLU A 339 -4.25 5.98 15.62
CA GLU A 339 -3.89 4.68 16.19
C GLU A 339 -5.06 3.72 16.10
N HIS A 340 -6.26 4.18 16.47
CA HIS A 340 -7.42 3.31 16.40
C HIS A 340 -7.68 2.85 14.96
N ASN A 341 -7.64 3.77 14.00
CA ASN A 341 -7.97 3.38 12.63
C ASN A 341 -6.97 2.39 12.06
N ILE A 342 -5.66 2.61 12.31
CA ILE A 342 -4.67 1.66 11.82
C ILE A 342 -4.85 0.32 12.52
N ALA A 343 -5.16 0.35 13.82
CA ALA A 343 -5.42 -0.89 14.53
C ALA A 343 -6.65 -1.61 13.99
N PHE A 344 -7.72 -0.87 13.68
CA PHE A 344 -8.89 -1.46 13.06
C PHE A 344 -8.53 -2.16 11.76
N TYR A 345 -7.77 -1.47 10.88
CA TYR A 345 -7.33 -2.09 9.64
C TYR A 345 -6.52 -3.35 9.89
N GLN A 346 -5.64 -3.34 10.89
CA GLN A 346 -4.85 -4.53 11.16
C GLN A 346 -5.70 -5.67 11.70
N GLN A 347 -6.69 -5.34 12.53
CA GLN A 347 -7.62 -6.36 13.02
C GLN A 347 -8.46 -6.93 11.89
N LEU A 348 -8.87 -6.09 10.94
CA LEU A 348 -9.53 -6.59 9.74
C LEU A 348 -8.64 -7.56 8.99
N MET A 349 -7.38 -7.20 8.75
CA MET A 349 -6.48 -8.11 8.06
C MET A 349 -6.30 -9.42 8.82
N GLN A 350 -6.21 -9.34 10.15
CA GLN A 350 -6.09 -10.55 10.96
C GLN A 350 -7.30 -11.45 10.80
N LYS A 351 -8.50 -10.87 10.81
CA LYS A 351 -9.72 -11.66 10.64
C LYS A 351 -9.78 -12.28 9.25
N ILE A 352 -9.30 -11.54 8.25
CA ILE A 352 -9.22 -12.08 6.89
C ILE A 352 -8.26 -13.27 6.86
N ARG A 353 -7.06 -13.10 7.42
CA ARG A 353 -6.08 -14.17 7.42
C ARG A 353 -6.61 -15.40 8.15
N ASP A 354 -7.16 -15.21 9.33
CA ASP A 354 -7.65 -16.35 10.11
C ASP A 354 -8.79 -17.04 9.39
N SER A 355 -9.71 -16.28 8.81
CA SER A 355 -10.86 -16.91 8.16
C SER A 355 -10.43 -17.69 6.93
N ILE A 356 -9.47 -17.18 6.15
CA ILE A 356 -8.97 -17.96 5.02
C ILE A 356 -8.28 -19.21 5.52
N SER A 357 -7.41 -19.08 6.51
N SER A 357 -7.41 -19.07 6.52
CA SER A 357 -6.72 -20.24 7.03
CA SER A 357 -6.70 -20.20 7.10
C SER A 357 -7.71 -21.31 7.46
C SER A 357 -7.64 -21.29 7.60
N GLU A 358 -8.83 -20.89 8.05
CA GLU A 358 -9.79 -21.79 8.64
C GLU A 358 -10.89 -22.20 7.67
N GLY A 359 -10.82 -21.75 6.42
CA GLY A 359 -11.79 -22.16 5.43
C GLY A 359 -13.17 -21.58 5.64
N ARG A 360 -13.26 -20.38 6.21
CA ARG A 360 -14.54 -19.73 6.48
C ARG A 360 -14.52 -18.27 6.04
N PHE A 361 -13.71 -17.94 5.05
CA PHE A 361 -13.60 -16.56 4.59
C PHE A 361 -14.87 -16.10 3.90
N SER A 362 -15.50 -16.96 3.11
CA SER A 362 -16.74 -16.55 2.44
C SER A 362 -17.79 -16.12 3.45
N GLN A 363 -17.93 -16.90 4.53
CA GLN A 363 -18.87 -16.51 5.58
C GLN A 363 -18.43 -15.23 6.27
N PHE A 364 -17.12 -15.09 6.53
CA PHE A 364 -16.64 -13.86 7.14
C PHE A 364 -17.00 -12.65 6.29
N ALA A 365 -16.76 -12.73 4.98
CA ALA A 365 -16.99 -11.59 4.11
C ALA A 365 -18.47 -11.20 4.12
N GLN A 366 -19.36 -12.19 4.09
CA GLN A 366 -20.80 -11.93 4.14
C GLN A 366 -21.18 -11.29 5.48
N ASP A 367 -20.71 -11.89 6.59
CA ASP A 367 -21.02 -11.35 7.91
C ASP A 367 -20.46 -9.94 8.06
N PHE A 368 -19.25 -9.71 7.57
CA PHE A 368 -18.64 -8.41 7.66
C PHE A 368 -19.48 -7.35 6.94
N ARG A 369 -19.88 -7.65 5.70
N ARG A 369 -19.84 -7.64 5.68
CA ARG A 369 -20.61 -6.68 4.90
CA ARG A 369 -20.62 -6.68 4.92
C ARG A 369 -22.02 -6.44 5.43
C ARG A 369 -21.96 -6.41 5.58
N ALA A 370 -22.66 -7.48 5.98
CA ALA A 370 -24.01 -7.30 6.51
C ALA A 370 -24.00 -6.32 7.68
N ARG A 371 -23.01 -6.43 8.55
CA ARG A 371 -22.93 -5.55 9.70
C ARG A 371 -22.37 -4.17 9.33
N TYR A 372 -21.30 -4.15 8.53
CA TYR A 372 -20.63 -2.88 8.23
C TYR A 372 -21.56 -1.93 7.50
N PHE A 373 -22.43 -2.47 6.64
CA PHE A 373 -23.35 -1.65 5.86
C PHE A 373 -24.76 -1.61 6.43
N ALA A 374 -25.01 -2.24 7.58
CA ALA A 374 -26.30 -2.09 8.26
C ALA A 374 -26.35 -0.70 8.88
ZN ZN B . -9.76 0.93 18.84
S DMS C . 4.16 -21.04 -3.03
O DMS C . 5.62 -21.27 -2.79
C1 DMS C . 3.23 -21.71 -1.64
C2 DMS C . 3.86 -19.26 -2.85
N GGB D . -4.11 3.15 -7.28
CA GGB D . -2.85 3.66 -7.89
CB GGB D . -1.85 3.90 -6.73
CG GGB D . -0.55 4.44 -7.25
C GGB D . -2.24 2.69 -8.95
OD GGB D . 0.30 3.31 -7.49
NE GGB D . 1.63 3.76 -7.67
CZ GGB D . 2.14 3.51 -9.01
NH1 GGB D . 1.38 3.22 -10.05
NH2 GGB D . 3.54 3.59 -9.18
O GGB D . -2.54 1.45 -8.71
OXT GGB D . -1.55 3.06 -9.90
C1 PGE E . -15.63 5.86 30.10
O1 PGE E . -15.53 5.28 31.38
C2 PGE E . -14.29 5.98 29.45
O2 PGE E . -13.76 4.69 29.23
C3 PGE E . -13.33 4.50 27.90
C4 PGE E . -12.79 3.12 27.73
O4 PGE E . -14.96 0.06 29.51
C6 PGE E . -14.45 -0.13 28.20
C5 PGE E . -13.34 0.83 27.89
O3 PGE E . -13.82 2.17 27.95
O1 PG4 F . -9.77 -11.26 15.36
C1 PG4 F . -8.64 -10.40 15.35
C2 PG4 F . -9.04 -8.96 15.49
O2 PG4 F . -9.78 -8.78 16.69
C3 PG4 F . -10.85 -7.86 16.55
C4 PG4 F . -11.93 -8.14 17.54
O3 PG4 F . -13.12 -7.47 17.16
C5 PG4 F . -14.20 -8.36 16.89
C6 PG4 F . -15.14 -7.74 15.92
O4 PG4 F . -15.89 -8.74 15.26
C7 PG4 F . -16.23 -8.36 13.93
C8 PG4 F . -16.62 -9.58 13.14
O5 PG4 F . -17.04 -9.22 11.84
#